data_6TBW
#
_entry.id   6TBW
#
_cell.length_a   138.083
_cell.length_b   138.083
_cell.length_c   138.083
_cell.angle_alpha   90.000
_cell.angle_beta   90.000
_cell.angle_gamma   90.000
#
_symmetry.space_group_name_H-M   'P 43 3 2'
#
loop_
_entity.id
_entity.type
_entity.pdbx_description
1 polymer Beta-lactamase
2 non-polymer 'TRIETHYLENE GLYCOL'
3 non-polymer (2S,5R)-1-formyl-5-[(sulfooxy)amino]piperidine-2-carboxamide
4 non-polymer 'ZINC ION'
5 non-polymer 'CHLORIDE ION'
6 water water
#
_entity_poly.entity_id   1
_entity_poly.type   'polypeptide(L)'
_entity_poly.pdbx_seq_one_letter_code
;APQQINDIVHRTITPLIEQQKIPGMAVAVIYQGKPYYFTWGYADIAKKQPVTQQTLFELGSVSKTFTGVLGGDAIARGEI
KLSDPTTKYWPELTAKQWNGITLLHLATYTAGGLPLQVPDEVKSSSDLLRFYQNWQPAWAPGTQRLYANSSIGLFGALAV
KPSGLSFEQAMQTRVFQPLKLNHTWINVPPAEEKNYAWGYREGKAVHVSPGALDAEAYGVKSTIEDMARWVQSNLKPLDI
NEKTLQQGIQLAQSRYWQTGDMYQGLGWEMLDWPVNPDSIINGSDNKIALAARPVKAITPPTPAVRASWVHKTGATGGFG
SYVAFIPEKELGIVMLANKNYPNPARVDAAWQILNALQ
;
_entity_poly.pdbx_strand_id   A
#
loop_
_chem_comp.id
_chem_comp.type
_chem_comp.name
_chem_comp.formula
CL non-polymer 'CHLORIDE ION' 'Cl -1'
NXL non-polymer (2S,5R)-1-formyl-5-[(sulfooxy)amino]piperidine-2-carboxamide 'C7 H13 N3 O6 S'
PGE non-polymer 'TRIETHYLENE GLYCOL' 'C6 H14 O4'
ZN non-polymer 'ZINC ION' 'Zn 2'
#
# COMPACT_ATOMS: atom_id res chain seq x y z
N ALA A 1 10.91 16.85 18.66
CA ALA A 1 11.40 16.82 17.30
C ALA A 1 12.24 18.04 16.97
N PRO A 2 13.21 17.88 16.06
CA PRO A 2 13.97 19.04 15.58
C PRO A 2 13.05 20.16 15.12
N GLN A 3 13.48 21.41 15.37
CA GLN A 3 12.64 22.55 15.03
C GLN A 3 12.31 22.56 13.54
N GLN A 4 13.25 22.14 12.69
CA GLN A 4 12.99 22.19 11.26
C GLN A 4 11.83 21.29 10.88
N ILE A 5 11.71 20.14 11.56
CA ILE A 5 10.62 19.22 11.28
C ILE A 5 9.32 19.80 11.79
N ASN A 6 9.31 20.27 13.03
CA ASN A 6 8.08 20.86 13.57
C ASN A 6 7.59 21.97 12.68
N ASP A 7 8.49 22.83 12.20
N ASP A 7 8.49 22.78 12.15
CA ASP A 7 8.09 23.97 11.40
CA ASP A 7 8.06 23.97 11.43
C ASP A 7 7.47 23.54 10.09
C ASP A 7 7.52 23.63 10.05
N ILE A 8 8.18 22.72 9.31
CA ILE A 8 7.65 22.35 8.01
C ILE A 8 6.36 21.54 8.16
N VAL A 9 6.25 20.72 9.20
CA VAL A 9 5.01 19.95 9.38
C VAL A 9 3.86 20.89 9.68
N HIS A 10 4.05 21.84 10.58
CA HIS A 10 2.96 22.77 10.83
C HIS A 10 2.55 23.50 9.56
N ARG A 11 3.52 24.09 8.86
CA ARG A 11 3.25 24.95 7.72
C ARG A 11 2.68 24.17 6.54
N THR A 12 2.88 22.86 6.51
CA THR A 12 2.38 22.04 5.42
C THR A 12 1.09 21.33 5.78
N ILE A 13 1.03 20.67 6.92
CA ILE A 13 -0.12 19.83 7.21
C ILE A 13 -1.26 20.62 7.82
N THR A 14 -1.00 21.59 8.72
CA THR A 14 -2.13 22.32 9.27
C THR A 14 -2.91 23.00 8.15
N PRO A 15 -2.28 23.67 7.17
CA PRO A 15 -3.08 24.23 6.06
C PRO A 15 -3.74 23.16 5.21
N LEU A 16 -3.08 22.02 4.98
CA LEU A 16 -3.75 20.93 4.27
C LEU A 16 -5.04 20.56 4.94
N ILE A 17 -4.99 20.40 6.27
CA ILE A 17 -6.18 20.08 7.05
C ILE A 17 -7.24 21.16 6.90
N GLU A 18 -6.82 22.44 6.94
CA GLU A 18 -7.73 23.55 6.71
C GLU A 18 -8.33 23.49 5.31
N GLN A 19 -7.51 23.23 4.30
CA GLN A 19 -7.97 23.27 2.92
C GLN A 19 -8.93 22.11 2.64
N GLN A 20 -8.64 20.93 3.19
CA GLN A 20 -9.36 19.72 2.84
C GLN A 20 -10.42 19.33 3.84
N LYS A 21 -10.57 20.05 4.94
CA LYS A 21 -11.61 19.78 5.95
C LYS A 21 -11.44 18.38 6.55
N ILE A 22 -10.21 18.00 6.87
CA ILE A 22 -9.90 16.69 7.42
C ILE A 22 -10.21 16.67 8.91
N PRO A 23 -11.05 15.75 9.41
CA PRO A 23 -11.39 15.78 10.84
C PRO A 23 -10.29 15.33 11.76
N GLY A 24 -9.45 14.39 11.32
CA GLY A 24 -8.41 13.84 12.15
C GLY A 24 -7.29 13.35 11.26
N MET A 25 -6.07 13.52 11.76
CA MET A 25 -4.91 13.18 10.95
C MET A 25 -3.76 12.79 11.85
N ALA A 26 -3.02 11.81 11.40
CA ALA A 26 -1.76 11.44 12.04
C ALA A 26 -0.67 11.42 10.99
N VAL A 27 0.49 11.97 11.36
CA VAL A 27 1.65 12.01 10.47
C VAL A 27 2.86 11.51 11.22
N ALA A 28 3.65 10.68 10.55
CA ALA A 28 4.98 10.34 11.02
C ALA A 28 5.98 10.82 10.00
N VAL A 29 6.98 11.57 10.44
CA VAL A 29 8.11 11.95 9.61
C VAL A 29 9.29 11.14 10.09
N ILE A 30 9.85 10.34 9.19
CA ILE A 30 11.06 9.59 9.49
C ILE A 30 12.23 10.40 8.96
N TYR A 31 13.09 10.83 9.86
CA TYR A 31 14.20 11.69 9.55
C TYR A 31 15.43 11.05 10.14
N GLN A 32 16.45 10.84 9.32
N GLN A 32 16.44 10.82 9.30
CA GLN A 32 17.63 10.11 9.74
CA GLN A 32 17.66 10.11 9.68
C GLN A 32 17.20 8.84 10.47
C GLN A 32 17.32 8.78 10.34
N GLY A 33 16.22 8.16 9.91
CA GLY A 33 15.82 6.87 10.35
C GLY A 33 14.92 6.81 11.55
N LYS A 34 14.62 7.97 12.17
CA LYS A 34 13.85 8.03 13.39
C LYS A 34 12.50 8.67 13.17
N PRO A 35 11.42 8.11 13.70
CA PRO A 35 10.10 8.73 13.51
C PRO A 35 9.81 9.83 14.51
N TYR A 36 9.14 10.86 14.00
CA TYR A 36 8.59 11.98 14.76
C TYR A 36 7.11 12.06 14.44
N TYR A 37 6.29 12.05 15.47
CA TYR A 37 4.86 11.90 15.33
C TYR A 37 4.12 13.21 15.57
N PHE A 38 3.02 13.36 14.83
CA PHE A 38 2.16 14.53 14.86
C PHE A 38 0.73 14.06 14.71
N THR A 39 -0.17 14.65 15.50
CA THR A 39 -1.58 14.34 15.38
C THR A 39 -2.40 15.62 15.42
N TRP A 40 -3.57 15.55 14.80
CA TRP A 40 -4.54 16.62 14.77
C TRP A 40 -5.94 16.04 14.88
N GLY A 41 -6.82 16.77 15.54
CA GLY A 41 -8.24 16.52 15.37
C GLY A 41 -8.72 15.27 16.07
N TYR A 42 -9.77 14.69 15.48
CA TYR A 42 -10.60 13.71 16.18
C TYR A 42 -10.71 12.44 15.39
N ALA A 43 -10.56 11.32 16.12
CA ALA A 43 -10.82 10.00 15.59
C ALA A 43 -12.31 9.75 15.49
N ASP A 44 -13.07 10.28 16.45
CA ASP A 44 -14.52 10.15 16.54
C ASP A 44 -15.00 11.55 16.86
N ILE A 45 -15.62 12.22 15.89
CA ILE A 45 -16.05 13.61 16.08
C ILE A 45 -17.10 13.71 17.19
N ALA A 46 -18.16 12.91 17.12
CA ALA A 46 -19.25 13.09 18.06
C ALA A 46 -18.84 12.76 19.48
N LYS A 47 -17.93 11.80 19.66
N LYS A 47 -17.93 11.80 19.66
CA LYS A 47 -17.46 11.48 21.00
CA LYS A 47 -17.45 11.47 21.00
C LYS A 47 -16.32 12.38 21.44
C LYS A 47 -16.30 12.36 21.44
N LYS A 48 -15.83 13.24 20.55
CA LYS A 48 -14.68 14.10 20.81
C LYS A 48 -13.47 13.31 21.29
N GLN A 49 -13.21 12.18 20.62
CA GLN A 49 -12.06 11.34 20.93
C GLN A 49 -10.94 11.81 20.07
N PRO A 50 -9.82 12.29 20.62
N PRO A 50 -9.85 12.37 20.60
CA PRO A 50 -8.73 12.79 19.78
CA PRO A 50 -8.76 12.84 19.76
C PRO A 50 -8.03 11.68 19.03
C PRO A 50 -8.03 11.71 19.06
N VAL A 51 -7.44 12.05 17.90
CA VAL A 51 -6.44 11.21 17.27
C VAL A 51 -5.25 11.13 18.19
N THR A 52 -4.72 9.92 18.39
CA THR A 52 -3.51 9.71 19.15
C THR A 52 -2.59 8.81 18.35
N GLN A 53 -1.41 8.53 18.88
CA GLN A 53 -0.48 7.63 18.22
C GLN A 53 -0.97 6.18 18.24
N GLN A 54 -2.04 5.88 18.98
CA GLN A 54 -2.64 4.56 19.01
C GLN A 54 -3.91 4.47 18.19
N THR A 55 -4.31 5.54 17.52
CA THR A 55 -5.52 5.52 16.70
C THR A 55 -5.31 4.63 15.49
N LEU A 56 -6.26 3.74 15.23
CA LEU A 56 -6.23 2.92 14.03
C LEU A 56 -6.92 3.64 12.88
N PHE A 57 -6.27 3.67 11.74
CA PHE A 57 -6.83 4.22 10.50
C PHE A 57 -6.92 3.12 9.46
N GLU A 58 -7.88 3.25 8.55
CA GLU A 58 -7.96 2.35 7.41
C GLU A 58 -6.89 2.77 6.39
N LEU A 59 -6.01 1.84 6.06
CA LEU A 59 -4.95 2.13 5.10
C LEU A 59 -5.41 2.07 3.65
N GLY A 60 -6.55 1.47 3.37
CA GLY A 60 -6.96 1.33 2.00
C GLY A 60 -5.88 0.61 1.22
N SER A 61 -5.65 1.08 0.01
CA SER A 61 -4.75 0.39 -0.88
C SER A 61 -3.27 0.40 -0.47
N VAL A 62 -2.90 1.15 0.56
CA VAL A 62 -1.56 1.01 1.14
C VAL A 62 -1.39 -0.44 1.64
N SER A 63 -2.50 -1.13 1.91
CA SER A 63 -2.48 -2.54 2.26
C SER A 63 -1.68 -3.36 1.26
N LYS A 64 -1.68 -2.94 -0.01
CA LYS A 64 -1.00 -3.71 -1.05
C LYS A 64 0.49 -3.82 -0.78
N THR A 65 1.07 -2.86 -0.07
CA THR A 65 2.50 -2.96 0.24
C THR A 65 2.76 -4.16 1.15
N PHE A 66 1.87 -4.43 2.09
CA PHE A 66 2.01 -5.63 2.90
C PHE A 66 1.85 -6.88 2.05
N THR A 67 0.86 -6.89 1.16
CA THR A 67 0.67 -8.03 0.27
C THR A 67 1.90 -8.26 -0.60
N GLY A 68 2.47 -7.19 -1.14
CA GLY A 68 3.64 -7.33 -1.99
C GLY A 68 4.81 -7.93 -1.23
N VAL A 69 5.03 -7.47 0.00
CA VAL A 69 6.12 -7.98 0.81
C VAL A 69 5.86 -9.41 1.23
N LEU A 70 4.62 -9.75 1.59
CA LEU A 70 4.33 -11.14 1.91
C LEU A 70 4.58 -12.03 0.70
N GLY A 71 4.23 -11.56 -0.49
CA GLY A 71 4.56 -12.30 -1.69
C GLY A 71 6.05 -12.43 -1.90
N GLY A 72 6.78 -11.34 -1.67
CA GLY A 72 8.24 -11.40 -1.74
C GLY A 72 8.83 -12.41 -0.77
N ASP A 73 8.29 -12.45 0.45
CA ASP A 73 8.72 -13.43 1.43
C ASP A 73 8.46 -14.85 0.94
N ALA A 74 7.33 -15.07 0.27
CA ALA A 74 7.05 -16.39 -0.26
C ALA A 74 8.01 -16.76 -1.39
N ILE A 75 8.40 -15.77 -2.20
CA ILE A 75 9.43 -16.00 -3.22
C ILE A 75 10.74 -16.42 -2.56
N ALA A 76 11.12 -15.71 -1.49
CA ALA A 76 12.38 -15.99 -0.83
C ALA A 76 12.37 -17.33 -0.08
N ARG A 77 11.19 -17.84 0.26
CA ARG A 77 11.06 -19.17 0.84
C ARG A 77 11.08 -20.25 -0.23
N GLY A 78 11.09 -19.88 -1.49
CA GLY A 78 10.95 -20.85 -2.55
C GLY A 78 9.55 -21.39 -2.74
N GLU A 79 8.55 -20.77 -2.11
CA GLU A 79 7.19 -21.31 -2.13
C GLU A 79 6.49 -20.99 -3.45
N ILE A 80 6.82 -19.86 -4.06
CA ILE A 80 6.28 -19.45 -5.34
C ILE A 80 7.40 -18.88 -6.19
N LYS A 81 7.16 -18.84 -7.49
CA LYS A 81 7.97 -18.08 -8.43
C LYS A 81 7.03 -17.14 -9.16
N LEU A 82 7.49 -15.92 -9.46
CA LEU A 82 6.63 -14.99 -10.17
C LEU A 82 6.34 -15.45 -11.59
N SER A 83 7.19 -16.31 -12.17
CA SER A 83 6.90 -16.86 -13.46
C SER A 83 5.87 -17.98 -13.43
N ASP A 84 5.42 -18.39 -12.25
CA ASP A 84 4.49 -19.52 -12.19
C ASP A 84 3.17 -19.14 -12.82
N PRO A 85 2.54 -20.05 -13.56
CA PRO A 85 1.17 -19.77 -14.02
C PRO A 85 0.19 -19.71 -12.87
N THR A 86 -0.79 -18.80 -13.02
CA THR A 86 -1.88 -18.72 -12.07
C THR A 86 -2.51 -20.07 -11.83
N THR A 87 -2.69 -20.85 -12.91
CA THR A 87 -3.35 -22.14 -12.79
C THR A 87 -2.58 -23.15 -11.95
N LYS A 88 -1.30 -22.90 -11.67
CA LYS A 88 -0.59 -23.81 -10.78
C LYS A 88 -1.21 -23.80 -9.40
N TYR A 89 -1.71 -22.64 -8.96
CA TYR A 89 -2.29 -22.45 -7.65
C TYR A 89 -3.80 -22.52 -7.64
N TRP A 90 -4.44 -22.41 -8.80
CA TRP A 90 -5.89 -22.49 -8.91
C TRP A 90 -6.21 -23.27 -10.17
N PRO A 91 -6.07 -24.60 -10.12
CA PRO A 91 -6.28 -25.39 -11.33
C PRO A 91 -7.70 -25.34 -11.84
N GLU A 92 -8.68 -25.00 -11.00
CA GLU A 92 -10.06 -24.88 -11.46
C GLU A 92 -10.27 -23.70 -12.39
N LEU A 93 -9.33 -22.75 -12.44
N LEU A 93 -9.30 -22.80 -12.47
CA LEU A 93 -9.37 -21.68 -13.44
CA LEU A 93 -9.33 -21.70 -13.44
C LEU A 93 -8.93 -22.28 -14.78
C LEU A 93 -8.93 -22.25 -14.80
N THR A 94 -9.88 -22.94 -15.42
CA THR A 94 -9.61 -23.67 -16.66
C THR A 94 -9.83 -22.84 -17.92
N ALA A 95 -10.47 -21.68 -17.83
CA ALA A 95 -10.78 -20.94 -19.05
C ALA A 95 -9.48 -20.54 -19.76
N LYS A 96 -9.53 -20.54 -21.10
CA LYS A 96 -8.32 -20.45 -21.89
C LYS A 96 -7.62 -19.11 -21.77
N GLN A 97 -8.34 -18.03 -21.44
CA GLN A 97 -7.69 -16.73 -21.32
C GLN A 97 -6.65 -16.72 -20.21
N TRP A 98 -6.70 -17.69 -19.30
CA TRP A 98 -5.72 -17.76 -18.22
C TRP A 98 -4.41 -18.41 -18.64
N ASN A 99 -4.37 -19.11 -19.78
CA ASN A 99 -3.11 -19.62 -20.28
C ASN A 99 -2.18 -18.44 -20.54
N GLY A 100 -1.02 -18.45 -19.87
CA GLY A 100 -0.05 -17.39 -20.05
C GLY A 100 -0.05 -16.29 -19.01
N ILE A 101 -1.01 -16.28 -18.10
CA ILE A 101 -1.10 -15.25 -17.06
C ILE A 101 -0.40 -15.79 -15.82
N THR A 102 0.66 -15.12 -15.41
CA THR A 102 1.51 -15.58 -14.33
C THR A 102 1.24 -14.80 -13.05
N LEU A 103 1.85 -15.27 -11.96
CA LEU A 103 1.74 -14.53 -10.72
C LEU A 103 2.32 -13.12 -10.86
N LEU A 104 3.37 -12.97 -11.64
CA LEU A 104 3.92 -11.64 -11.88
C LEU A 104 2.85 -10.72 -12.43
N HIS A 105 2.13 -11.20 -13.44
CA HIS A 105 1.11 -10.35 -14.03
C HIS A 105 0.06 -9.96 -13.00
N LEU A 106 -0.37 -10.91 -12.17
CA LEU A 106 -1.36 -10.57 -11.16
C LEU A 106 -0.83 -9.53 -10.20
N ALA A 107 0.42 -9.73 -9.74
CA ALA A 107 0.96 -8.83 -8.72
C ALA A 107 1.17 -7.42 -9.23
N THR A 108 1.36 -7.24 -10.54
CA THR A 108 1.78 -5.96 -11.09
C THR A 108 0.73 -5.35 -12.01
N TYR A 109 -0.49 -5.88 -11.97
CA TYR A 109 -1.63 -5.32 -12.70
C TYR A 109 -1.48 -5.44 -14.20
N THR A 110 -0.76 -6.46 -14.69
CA THR A 110 -0.45 -6.58 -16.11
C THR A 110 -1.05 -7.83 -16.74
N ALA A 111 -2.09 -8.42 -16.11
CA ALA A 111 -2.70 -9.63 -16.65
C ALA A 111 -3.49 -9.38 -17.91
N GLY A 112 -3.87 -8.14 -18.20
CA GLY A 112 -4.60 -7.84 -19.42
C GLY A 112 -5.94 -7.21 -19.17
N GLY A 113 -6.08 -6.46 -18.08
CA GLY A 113 -7.28 -5.70 -17.85
C GLY A 113 -8.23 -6.28 -16.83
N LEU A 114 -7.74 -7.03 -15.85
CA LEU A 114 -8.59 -7.36 -14.71
C LEU A 114 -9.14 -6.06 -14.12
N PRO A 115 -10.39 -6.05 -13.67
CA PRO A 115 -11.04 -4.80 -13.30
C PRO A 115 -10.59 -4.25 -11.95
N LEU A 116 -10.77 -2.93 -11.81
CA LEU A 116 -10.37 -2.23 -10.59
C LEU A 116 -10.91 -2.94 -9.35
N GLN A 117 -12.18 -3.32 -9.36
CA GLN A 117 -12.80 -3.97 -8.21
C GLN A 117 -13.28 -5.37 -8.56
N VAL A 118 -13.19 -6.26 -7.59
CA VAL A 118 -14.03 -7.47 -7.64
C VAL A 118 -15.48 -7.02 -7.50
N PRO A 119 -16.40 -7.49 -8.36
CA PRO A 119 -17.78 -7.02 -8.26
C PRO A 119 -18.38 -7.28 -6.88
N ASP A 120 -19.21 -6.33 -6.42
CA ASP A 120 -19.79 -6.46 -5.09
C ASP A 120 -20.71 -7.67 -4.97
N GLU A 121 -21.19 -8.20 -6.10
CA GLU A 121 -22.05 -9.37 -6.06
C GLU A 121 -21.28 -10.64 -5.68
N VAL A 122 -19.97 -10.66 -5.86
CA VAL A 122 -19.17 -11.83 -5.51
C VAL A 122 -19.19 -11.98 -4.00
N LYS A 123 -19.92 -12.98 -3.49
CA LYS A 123 -20.02 -13.23 -2.07
C LYS A 123 -19.46 -14.57 -1.63
N SER A 124 -19.28 -15.54 -2.52
CA SER A 124 -18.83 -16.88 -2.17
C SER A 124 -17.63 -17.29 -3.02
N SER A 125 -17.02 -18.41 -2.63
CA SER A 125 -15.90 -18.94 -3.39
C SER A 125 -16.32 -19.30 -4.82
N SER A 126 -17.51 -19.88 -4.98
CA SER A 126 -17.98 -20.19 -6.33
C SER A 126 -18.30 -18.93 -7.13
N ASP A 127 -18.80 -17.88 -6.46
CA ASP A 127 -18.96 -16.61 -7.14
C ASP A 127 -17.61 -16.10 -7.65
N LEU A 128 -16.58 -16.26 -6.83
CA LEU A 128 -15.27 -15.74 -7.20
C LEU A 128 -14.69 -16.51 -8.37
N LEU A 129 -14.86 -17.83 -8.39
CA LEU A 129 -14.40 -18.61 -9.52
C LEU A 129 -15.12 -18.19 -10.79
N ARG A 130 -16.45 -18.02 -10.70
CA ARG A 130 -17.23 -17.63 -11.86
C ARG A 130 -16.74 -16.29 -12.41
N PHE A 131 -16.46 -15.34 -11.51
CA PHE A 131 -15.97 -14.04 -11.92
C PHE A 131 -14.68 -14.19 -12.75
N TYR A 132 -13.68 -14.88 -12.22
CA TYR A 132 -12.42 -14.99 -12.94
C TYR A 132 -12.54 -15.86 -14.18
N GLN A 133 -13.38 -16.90 -14.12
CA GLN A 133 -13.58 -17.78 -15.27
C GLN A 133 -14.21 -17.03 -16.45
N ASN A 134 -15.09 -16.07 -16.18
CA ASN A 134 -15.81 -15.37 -17.24
C ASN A 134 -15.18 -14.05 -17.63
N TRP A 135 -14.13 -13.63 -16.94
CA TRP A 135 -13.46 -12.38 -17.28
C TRP A 135 -12.78 -12.50 -18.62
N GLN A 136 -12.97 -11.50 -19.47
CA GLN A 136 -12.35 -11.52 -20.78
C GLN A 136 -11.31 -10.41 -20.87
N PRO A 137 -10.04 -10.75 -21.08
CA PRO A 137 -9.02 -9.70 -21.09
C PRO A 137 -9.15 -8.80 -22.30
N ALA A 138 -8.85 -7.52 -22.07
CA ALA A 138 -8.78 -6.53 -23.14
C ALA A 138 -7.45 -6.55 -23.86
N TRP A 139 -6.39 -7.05 -23.23
CA TRP A 139 -5.05 -7.02 -23.79
C TRP A 139 -4.32 -8.32 -23.48
N ALA A 140 -3.29 -8.59 -24.28
CA ALA A 140 -2.40 -9.69 -23.98
C ALA A 140 -1.66 -9.45 -22.65
N PRO A 141 -1.37 -10.51 -21.91
CA PRO A 141 -0.67 -10.32 -20.63
C PRO A 141 0.69 -9.69 -20.86
N GLY A 142 1.11 -8.90 -19.89
CA GLY A 142 2.42 -8.28 -19.92
C GLY A 142 2.58 -7.14 -20.90
N THR A 143 1.50 -6.43 -21.22
CA THR A 143 1.60 -5.34 -22.19
C THR A 143 1.02 -4.02 -21.67
N GLN A 144 -0.01 -4.11 -20.85
CA GLN A 144 -0.64 -2.91 -20.30
C GLN A 144 -0.83 -3.05 -18.80
N ARG A 145 -0.58 -1.96 -18.09
CA ARG A 145 -0.81 -1.92 -16.65
C ARG A 145 -2.16 -1.25 -16.41
N LEU A 146 -3.04 -1.92 -15.70
CA LEU A 146 -4.34 -1.35 -15.30
C LEU A 146 -4.50 -1.69 -13.83
N TYR A 147 -4.29 -0.68 -12.98
CA TYR A 147 -4.36 -0.89 -11.54
C TYR A 147 -5.67 -1.57 -11.18
N ALA A 148 -5.56 -2.63 -10.37
CA ALA A 148 -6.74 -3.44 -10.11
C ALA A 148 -6.63 -4.19 -8.80
N ASN A 149 -7.62 -4.01 -7.94
CA ASN A 149 -7.71 -4.80 -6.73
C ASN A 149 -7.92 -6.27 -7.06
N SER A 150 -8.64 -6.57 -8.13
CA SER A 150 -8.91 -7.96 -8.49
C SER A 150 -7.66 -8.67 -8.98
N SER A 151 -6.61 -7.93 -9.31
CA SER A 151 -5.36 -8.50 -9.79
C SER A 151 -4.42 -8.83 -8.63
N ILE A 152 -3.97 -7.81 -7.90
CA ILE A 152 -3.09 -8.08 -6.77
C ILE A 152 -3.84 -8.81 -5.65
N GLY A 153 -5.15 -8.63 -5.55
CA GLY A 153 -5.91 -9.39 -4.58
C GLY A 153 -5.79 -10.88 -4.82
N LEU A 154 -5.94 -11.32 -6.08
CA LEU A 154 -5.78 -12.72 -6.38
C LEU A 154 -4.34 -13.17 -6.20
N PHE A 155 -3.38 -12.32 -6.54
CA PHE A 155 -1.99 -12.65 -6.26
C PHE A 155 -1.80 -13.01 -4.79
N GLY A 156 -2.25 -12.14 -3.89
CA GLY A 156 -2.09 -12.40 -2.47
C GLY A 156 -2.73 -13.70 -2.02
N ALA A 157 -3.95 -13.97 -2.50
CA ALA A 157 -4.63 -15.18 -2.08
C ALA A 157 -3.93 -16.42 -2.58
N LEU A 158 -3.34 -16.36 -3.76
CA LEU A 158 -2.66 -17.55 -4.29
C LEU A 158 -1.25 -17.70 -3.74
N ALA A 159 -0.58 -16.57 -3.46
CA ALA A 159 0.80 -16.62 -3.01
C ALA A 159 0.95 -17.37 -1.70
N VAL A 160 -0.10 -17.38 -0.88
CA VAL A 160 -0.03 -18.02 0.43
C VAL A 160 -0.45 -19.49 0.39
N LYS A 161 -0.89 -20.00 -0.76
CA LYS A 161 -1.40 -21.35 -0.75
C LYS A 161 -0.33 -22.38 -0.41
N PRO A 162 0.90 -22.27 -0.92
CA PRO A 162 1.92 -23.27 -0.53
C PRO A 162 2.16 -23.33 0.97
N SER A 163 1.96 -22.24 1.69
CA SER A 163 2.19 -22.23 3.13
C SER A 163 1.15 -23.04 3.88
N GLY A 164 0.00 -23.32 3.28
CA GLY A 164 -1.09 -23.91 4.01
C GLY A 164 -1.77 -22.99 4.99
N LEU A 165 -1.44 -21.70 4.99
CA LEU A 165 -2.03 -20.73 5.90
C LEU A 165 -3.04 -19.88 5.15
N SER A 166 -4.04 -19.40 5.88
CA SER A 166 -4.88 -18.34 5.34
C SER A 166 -4.04 -17.09 5.07
N PHE A 167 -4.55 -16.23 4.19
CA PHE A 167 -3.86 -14.98 3.95
C PHE A 167 -3.64 -14.22 5.25
N GLU A 168 -4.67 -14.14 6.09
CA GLU A 168 -4.52 -13.37 7.32
C GLU A 168 -3.51 -14.02 8.26
N GLN A 169 -3.53 -15.34 8.37
CA GLN A 169 -2.58 -15.99 9.26
C GLN A 169 -1.16 -15.88 8.72
N ALA A 170 -0.99 -16.01 7.40
CA ALA A 170 0.33 -15.84 6.82
C ALA A 170 0.85 -14.42 7.08
N MET A 171 -0.02 -13.42 6.90
CA MET A 171 0.41 -12.05 7.12
C MET A 171 0.78 -11.82 8.57
N GLN A 172 0.00 -12.36 9.51
N GLN A 172 -0.05 -12.32 9.49
CA GLN A 172 0.32 -12.14 10.92
CA GLN A 172 0.21 -12.14 10.92
C GLN A 172 1.62 -12.84 11.31
C GLN A 172 1.56 -12.71 11.29
N THR A 173 1.77 -14.11 10.93
N THR A 173 1.82 -13.96 10.92
CA THR A 173 2.95 -14.87 11.34
CA THR A 173 2.97 -14.69 11.44
C THR A 173 4.20 -14.38 10.64
C THR A 173 4.23 -14.43 10.63
N ARG A 174 4.09 -14.02 9.37
CA ARG A 174 5.27 -13.81 8.54
C ARG A 174 5.66 -12.36 8.37
N VAL A 175 4.74 -11.41 8.59
CA VAL A 175 5.06 -10.00 8.40
C VAL A 175 4.77 -9.22 9.68
N PHE A 176 3.53 -9.24 10.16
CA PHE A 176 3.19 -8.34 11.26
C PHE A 176 3.99 -8.71 12.51
N GLN A 177 3.96 -9.99 12.91
CA GLN A 177 4.62 -10.36 14.16
C GLN A 177 6.13 -10.16 14.11
N PRO A 178 6.86 -10.58 13.08
CA PRO A 178 8.32 -10.39 13.10
C PRO A 178 8.72 -8.94 13.16
N LEU A 179 7.94 -8.06 12.57
CA LEU A 179 8.22 -6.62 12.55
C LEU A 179 7.61 -5.91 13.76
N LYS A 180 7.01 -6.66 14.69
CA LYS A 180 6.43 -6.09 15.90
C LYS A 180 5.39 -5.02 15.54
N LEU A 181 4.63 -5.29 14.50
CA LEU A 181 3.46 -4.47 14.15
C LEU A 181 2.26 -5.05 14.90
N ASN A 182 2.22 -4.77 16.19
CA ASN A 182 1.28 -5.41 17.09
C ASN A 182 -0.05 -4.67 17.19
N HIS A 183 -0.20 -3.58 16.47
CA HIS A 183 -1.46 -2.83 16.39
C HIS A 183 -1.80 -2.57 14.95
N THR A 184 -1.57 -3.60 14.13
CA THR A 184 -1.91 -3.63 12.72
C THR A 184 -2.78 -4.85 12.49
N TRP A 185 -3.91 -4.65 11.83
CA TRP A 185 -4.94 -5.66 11.81
C TRP A 185 -5.60 -5.75 10.45
N ILE A 186 -5.84 -6.98 10.00
CA ILE A 186 -6.80 -7.19 8.93
C ILE A 186 -8.22 -7.13 9.47
N ASN A 187 -8.46 -7.75 10.62
CA ASN A 187 -9.72 -7.70 11.33
C ASN A 187 -9.44 -7.12 12.71
N VAL A 188 -10.01 -5.96 13.00
CA VAL A 188 -9.77 -5.30 14.28
C VAL A 188 -10.44 -6.12 15.37
N PRO A 189 -9.70 -6.63 16.36
CA PRO A 189 -10.33 -7.41 17.44
C PRO A 189 -11.23 -6.53 18.29
N PRO A 190 -12.23 -7.13 18.95
CA PRO A 190 -13.15 -6.32 19.77
C PRO A 190 -12.44 -5.45 20.79
N ALA A 191 -11.37 -5.95 21.42
CA ALA A 191 -10.69 -5.20 22.44
C ALA A 191 -9.95 -3.99 21.90
N GLU A 192 -9.77 -3.91 20.59
CA GLU A 192 -9.07 -2.81 19.96
C GLU A 192 -10.00 -1.82 19.27
N GLU A 193 -11.29 -2.13 19.17
CA GLU A 193 -12.24 -1.23 18.51
C GLU A 193 -12.25 0.18 19.11
N LYS A 194 -11.95 0.33 20.40
CA LYS A 194 -11.94 1.66 21.01
C LYS A 194 -10.92 2.58 20.37
N ASN A 195 -9.93 2.01 19.67
CA ASN A 195 -8.90 2.78 19.01
C ASN A 195 -9.22 3.05 17.54
N TYR A 196 -10.30 2.49 17.03
CA TYR A 196 -10.55 2.47 15.58
C TYR A 196 -11.27 3.77 15.23
N ALA A 197 -10.55 4.65 14.55
CA ALA A 197 -11.14 5.91 14.10
C ALA A 197 -12.33 5.63 13.18
N TRP A 198 -13.29 6.56 13.18
CA TRP A 198 -14.33 6.60 12.18
C TRP A 198 -13.79 7.34 10.97
N GLY A 199 -14.09 6.83 9.78
CA GLY A 199 -13.89 7.60 8.56
C GLY A 199 -15.09 8.52 8.36
N TYR A 200 -14.91 9.61 7.62
CA TYR A 200 -15.98 10.55 7.40
C TYR A 200 -16.13 10.81 5.91
N ARG A 201 -17.33 10.54 5.40
CA ARG A 201 -17.70 10.73 4.00
C ARG A 201 -18.98 11.54 4.00
N GLU A 202 -18.94 12.72 3.38
CA GLU A 202 -20.08 13.62 3.36
C GLU A 202 -20.63 13.83 4.77
N GLY A 203 -19.72 13.95 5.74
CA GLY A 203 -20.09 14.20 7.12
C GLY A 203 -20.53 12.99 7.92
N LYS A 204 -20.65 11.83 7.31
CA LYS A 204 -21.18 10.62 7.94
C LYS A 204 -20.05 9.68 8.33
N ALA A 205 -20.17 9.06 9.51
CA ALA A 205 -19.14 8.16 10.02
C ALA A 205 -19.26 6.81 9.35
N VAL A 206 -18.16 6.32 8.81
CA VAL A 206 -18.16 5.09 8.03
C VAL A 206 -16.89 4.29 8.26
N HIS A 207 -17.04 2.96 8.16
CA HIS A 207 -15.96 2.00 8.11
C HIS A 207 -16.08 1.21 6.82
N VAL A 208 -14.94 0.73 6.33
CA VAL A 208 -14.92 -0.03 5.09
C VAL A 208 -15.76 -1.28 5.24
N SER A 209 -16.49 -1.63 4.18
CA SER A 209 -17.35 -2.79 4.25
C SER A 209 -16.60 -4.02 3.77
N PRO A 210 -17.01 -5.20 4.22
CA PRO A 210 -16.34 -6.43 3.74
C PRO A 210 -16.52 -6.61 2.25
N GLY A 211 -15.48 -7.12 1.60
CA GLY A 211 -15.57 -7.51 0.21
C GLY A 211 -14.57 -8.59 -0.12
N ALA A 212 -14.82 -9.26 -1.23
CA ALA A 212 -13.92 -10.31 -1.73
C ALA A 212 -12.50 -9.77 -1.90
N LEU A 213 -11.54 -10.50 -1.34
CA LEU A 213 -10.10 -10.18 -1.43
C LEU A 213 -9.78 -8.83 -0.81
N ASP A 214 -10.60 -8.38 0.15
CA ASP A 214 -10.36 -7.07 0.75
C ASP A 214 -9.05 -7.03 1.53
N ALA A 215 -8.74 -8.08 2.28
CA ALA A 215 -7.52 -8.06 3.09
C ALA A 215 -6.29 -7.86 2.21
N GLU A 216 -6.29 -8.46 1.03
CA GLU A 216 -5.15 -8.43 0.12
C GLU A 216 -4.99 -7.05 -0.52
N ALA A 217 -6.10 -6.38 -0.80
CA ALA A 217 -6.06 -5.19 -1.64
C ALA A 217 -6.28 -3.89 -0.89
N TYR A 218 -7.10 -3.88 0.15
CA TYR A 218 -7.40 -2.58 0.78
C TYR A 218 -7.86 -2.67 2.23
N GLY A 219 -7.67 -3.79 2.93
CA GLY A 219 -8.36 -3.97 4.20
C GLY A 219 -7.57 -3.89 5.48
N VAL A 220 -6.31 -3.44 5.45
CA VAL A 220 -5.52 -3.35 6.68
C VAL A 220 -5.81 -2.04 7.40
N LYS A 221 -5.85 -2.12 8.73
CA LYS A 221 -5.92 -0.96 9.61
C LYS A 221 -4.68 -0.91 10.48
N SER A 222 -4.16 0.29 10.75
CA SER A 222 -2.93 0.38 11.51
C SER A 222 -2.84 1.73 12.19
N THR A 223 -1.90 1.84 13.11
CA THR A 223 -1.62 3.07 13.82
C THR A 223 -0.48 3.81 13.14
N ILE A 224 -0.32 5.07 13.51
CA ILE A 224 0.79 5.84 12.95
C ILE A 224 2.12 5.28 13.42
N GLU A 225 2.17 4.72 14.64
CA GLU A 225 3.41 4.14 15.15
C GLU A 225 3.78 2.89 14.37
N ASP A 226 2.81 2.01 14.14
CA ASP A 226 3.12 0.81 13.38
C ASP A 226 3.48 1.16 11.94
N MET A 227 2.81 2.15 11.35
CA MET A 227 3.14 2.51 9.99
C MET A 227 4.52 3.14 9.90
N ALA A 228 4.94 3.91 10.91
CA ALA A 228 6.31 4.40 10.91
C ALA A 228 7.29 3.22 10.96
N ARG A 229 6.98 2.21 11.77
CA ARG A 229 7.84 1.04 11.84
C ARG A 229 7.86 0.26 10.52
N TRP A 230 6.72 0.21 9.83
CA TRP A 230 6.69 -0.37 8.50
C TRP A 230 7.60 0.39 7.54
N VAL A 231 7.53 1.72 7.55
CA VAL A 231 8.43 2.50 6.71
C VAL A 231 9.89 2.23 7.11
N GLN A 232 10.21 2.22 8.40
CA GLN A 232 11.58 1.93 8.80
C GLN A 232 12.04 0.58 8.27
N SER A 233 11.15 -0.42 8.31
CA SER A 233 11.49 -1.75 7.83
C SER A 233 11.79 -1.75 6.33
N ASN A 234 11.04 -0.96 5.57
CA ASN A 234 11.23 -0.87 4.13
C ASN A 234 12.40 0.04 3.77
N LEU A 235 12.74 0.96 4.66
CA LEU A 235 13.94 1.78 4.49
C LEU A 235 15.22 1.00 4.78
N LYS A 236 15.17 0.10 5.75
N LYS A 236 15.18 0.11 5.75
CA LYS A 236 16.35 -0.58 6.26
CA LYS A 236 16.37 -0.58 6.24
C LYS A 236 16.12 -2.08 6.34
C LYS A 236 16.12 -2.07 6.34
N PRO A 237 15.96 -2.76 5.21
CA PRO A 237 15.63 -4.19 5.26
C PRO A 237 16.73 -5.02 5.89
N LEU A 238 17.99 -4.56 5.87
CA LEU A 238 19.03 -5.38 6.47
C LEU A 238 18.93 -5.41 8.00
N ASP A 239 18.15 -4.51 8.60
CA ASP A 239 17.92 -4.61 10.02
C ASP A 239 16.93 -5.70 10.40
N ILE A 240 16.24 -6.30 9.42
CA ILE A 240 15.27 -7.36 9.69
C ILE A 240 16.03 -8.68 9.79
N ASN A 241 15.89 -9.36 10.92
CA ASN A 241 16.71 -10.54 11.18
C ASN A 241 16.19 -11.77 10.45
N GLU A 242 14.91 -11.83 10.14
CA GLU A 242 14.35 -12.93 9.35
C GLU A 242 14.76 -12.76 7.90
N LYS A 243 15.64 -13.64 7.41
CA LYS A 243 16.20 -13.48 6.07
C LYS A 243 15.12 -13.45 4.99
N THR A 244 14.10 -14.31 5.08
CA THR A 244 13.12 -14.33 3.99
C THR A 244 12.30 -13.04 3.96
N LEU A 245 12.10 -12.41 5.11
CA LEU A 245 11.36 -11.15 5.16
C LEU A 245 12.23 -9.98 4.71
N GLN A 246 13.50 -9.97 5.13
CA GLN A 246 14.47 -9.03 4.58
C GLN A 246 14.45 -9.09 3.06
N GLN A 247 14.54 -10.30 2.52
CA GLN A 247 14.57 -10.45 1.07
C GLN A 247 13.22 -10.11 0.46
N GLY A 248 12.12 -10.46 1.13
CA GLY A 248 10.81 -10.12 0.60
C GLY A 248 10.61 -8.62 0.48
N ILE A 249 11.11 -7.86 1.46
CA ILE A 249 11.04 -6.41 1.39
C ILE A 249 11.81 -5.91 0.19
N GLN A 250 13.01 -6.46 0.00
CA GLN A 250 13.84 -6.05 -1.11
C GLN A 250 13.16 -6.38 -2.43
N LEU A 251 12.55 -7.57 -2.53
CA LEU A 251 11.92 -7.95 -3.78
C LEU A 251 10.70 -7.11 -4.09
N ALA A 252 10.00 -6.60 -3.08
CA ALA A 252 8.83 -5.77 -3.34
C ALA A 252 9.23 -4.42 -3.90
N GLN A 253 10.49 -4.01 -3.71
CA GLN A 253 11.03 -2.78 -4.30
C GLN A 253 11.86 -3.01 -5.55
N SER A 254 11.93 -4.25 -6.03
CA SER A 254 12.50 -4.45 -7.36
C SER A 254 11.60 -3.78 -8.39
N ARG A 255 12.18 -3.43 -9.53
CA ARG A 255 11.45 -2.76 -10.60
C ARG A 255 11.14 -3.77 -11.69
N TYR A 256 9.86 -4.11 -11.84
CA TYR A 256 9.41 -5.14 -12.76
C TYR A 256 8.94 -4.58 -14.09
N TRP A 257 8.39 -3.38 -14.10
CA TRP A 257 7.84 -2.75 -15.27
C TRP A 257 8.13 -1.27 -15.18
N GLN A 258 8.22 -0.59 -16.32
CA GLN A 258 8.34 0.86 -16.36
C GLN A 258 7.25 1.43 -17.26
N THR A 259 6.66 2.54 -16.83
CA THR A 259 5.81 3.34 -17.71
C THR A 259 6.07 4.79 -17.38
N GLY A 260 6.50 5.56 -18.38
CA GLY A 260 6.96 6.92 -18.12
C GLY A 260 8.08 6.85 -17.11
N ASP A 261 8.04 7.71 -16.09
CA ASP A 261 9.09 7.72 -15.09
C ASP A 261 8.74 6.86 -13.87
N MET A 262 7.73 6.01 -13.97
N MET A 262 7.74 6.00 -14.00
CA MET A 262 7.31 5.21 -12.84
CA MET A 262 7.24 5.18 -12.90
C MET A 262 7.63 3.74 -13.04
C MET A 262 7.68 3.73 -13.07
N TYR A 263 8.00 3.09 -11.96
CA TYR A 263 8.34 1.68 -11.94
C TYR A 263 7.40 0.94 -11.00
N GLN A 264 6.95 -0.23 -11.41
CA GLN A 264 6.05 -1.05 -10.62
C GLN A 264 6.84 -2.08 -9.83
N GLY A 265 6.69 -2.08 -8.52
CA GLY A 265 7.18 -3.13 -7.65
C GLY A 265 6.07 -4.08 -7.30
N LEU A 266 6.21 -4.77 -6.16
CA LEU A 266 5.15 -5.61 -5.63
C LEU A 266 4.46 -4.75 -4.56
N GLY A 267 3.31 -4.18 -4.92
CA GLY A 267 2.63 -3.24 -4.05
C GLY A 267 3.20 -1.83 -4.15
N TRP A 268 4.45 -1.69 -3.74
CA TRP A 268 5.14 -0.41 -3.87
C TRP A 268 5.26 -0.01 -5.32
N GLU A 269 5.25 1.31 -5.54
CA GLU A 269 5.64 1.94 -6.80
C GLU A 269 6.87 2.80 -6.52
N MET A 270 7.70 3.00 -7.53
CA MET A 270 8.98 3.67 -7.33
C MET A 270 9.29 4.60 -8.50
N LEU A 271 10.03 5.65 -8.19
CA LEU A 271 10.63 6.52 -9.20
C LEU A 271 12.07 6.77 -8.79
N ASP A 272 12.91 7.10 -9.75
CA ASP A 272 14.27 7.51 -9.41
C ASP A 272 14.28 8.80 -8.61
N TRP A 273 15.16 8.86 -7.61
CA TRP A 273 15.39 10.07 -6.82
C TRP A 273 16.68 10.74 -7.25
N PRO A 274 16.70 12.08 -7.42
CA PRO A 274 15.60 13.03 -7.20
C PRO A 274 14.48 12.89 -8.22
N VAL A 275 13.28 13.08 -7.73
CA VAL A 275 12.07 12.94 -8.52
C VAL A 275 11.63 14.31 -8.99
N ASN A 276 10.94 14.34 -10.12
CA ASN A 276 10.18 15.50 -10.57
C ASN A 276 8.91 15.56 -9.75
N PRO A 277 8.74 16.54 -8.85
CA PRO A 277 7.53 16.49 -8.00
C PRO A 277 6.25 16.52 -8.80
N ASP A 278 6.22 17.20 -9.94
CA ASP A 278 4.96 17.27 -10.68
C ASP A 278 4.57 15.89 -11.20
N SER A 279 5.53 15.01 -11.47
N SER A 279 5.55 15.05 -11.51
CA SER A 279 5.17 13.71 -11.98
CA SER A 279 5.25 13.69 -11.96
C SER A 279 4.51 12.83 -10.92
C SER A 279 4.48 12.92 -10.90
N ILE A 280 5.04 12.86 -9.69
CA ILE A 280 4.37 12.09 -8.64
C ILE A 280 3.07 12.73 -8.23
N ILE A 281 2.99 14.06 -8.19
CA ILE A 281 1.74 14.72 -7.81
C ILE A 281 0.68 14.46 -8.87
N ASN A 282 0.98 14.80 -10.13
CA ASN A 282 -0.01 14.65 -11.18
C ASN A 282 -0.35 13.18 -11.42
N GLY A 283 0.65 12.31 -11.32
CA GLY A 283 0.42 10.90 -11.57
C GLY A 283 -0.40 10.22 -10.51
N SER A 284 -0.59 10.85 -9.36
CA SER A 284 -1.40 10.27 -8.32
C SER A 284 -2.89 10.53 -8.52
N ASP A 285 -3.26 11.46 -9.40
CA ASP A 285 -4.66 11.70 -9.67
C ASP A 285 -5.31 10.43 -10.21
N ASN A 286 -6.51 10.11 -9.70
CA ASN A 286 -7.19 8.89 -10.12
C ASN A 286 -7.32 8.78 -11.62
N LYS A 287 -7.46 9.91 -12.33
CA LYS A 287 -7.64 9.86 -13.77
C LYS A 287 -6.41 9.28 -14.46
N ILE A 288 -5.24 9.40 -13.86
CA ILE A 288 -4.01 8.80 -14.38
C ILE A 288 -3.70 7.47 -13.71
N ALA A 289 -3.69 7.46 -12.38
CA ALA A 289 -3.30 6.28 -11.63
C ALA A 289 -4.13 5.07 -12.00
N LEU A 290 -5.38 5.28 -12.37
CA LEU A 290 -6.27 4.16 -12.64
C LEU A 290 -6.45 3.91 -14.13
N ALA A 291 -5.74 4.66 -14.98
CA ALA A 291 -5.85 4.48 -16.43
C ALA A 291 -4.94 3.36 -16.92
N ALA A 292 -5.35 2.71 -18.01
CA ALA A 292 -4.50 1.72 -18.64
C ALA A 292 -3.34 2.42 -19.34
N ARG A 293 -2.13 1.92 -19.12
CA ARG A 293 -0.92 2.48 -19.70
C ARG A 293 -0.01 1.37 -20.16
N PRO A 294 0.62 1.50 -21.34
CA PRO A 294 1.55 0.46 -21.79
C PRO A 294 2.76 0.39 -20.87
N VAL A 295 3.27 -0.83 -20.67
CA VAL A 295 4.44 -1.04 -19.84
C VAL A 295 5.56 -1.70 -20.63
N LYS A 296 6.79 -1.43 -20.21
CA LYS A 296 7.97 -2.09 -20.70
C LYS A 296 8.50 -3.00 -19.60
N ALA A 297 8.73 -4.27 -19.94
CA ALA A 297 9.26 -5.20 -18.96
C ALA A 297 10.70 -4.83 -18.64
N ILE A 298 11.08 -5.07 -17.38
CA ILE A 298 12.47 -4.99 -16.95
C ILE A 298 12.89 -6.40 -16.58
N THR A 299 13.78 -6.99 -17.38
CA THR A 299 14.17 -8.39 -17.24
C THR A 299 15.69 -8.47 -17.26
N PRO A 300 16.34 -8.93 -16.17
CA PRO A 300 15.71 -9.24 -14.89
C PRO A 300 15.20 -7.98 -14.22
N PRO A 301 14.29 -8.12 -13.26
CA PRO A 301 13.86 -6.93 -12.52
C PRO A 301 15.05 -6.23 -11.88
N THR A 302 15.01 -4.91 -11.89
CA THR A 302 16.08 -4.15 -11.24
C THR A 302 16.04 -4.40 -9.75
N PRO A 303 17.12 -4.87 -9.12
CA PRO A 303 17.11 -4.94 -7.66
C PRO A 303 16.89 -3.57 -7.04
N ALA A 304 16.23 -3.55 -5.90
CA ALA A 304 15.83 -2.33 -5.22
C ALA A 304 16.93 -1.28 -5.28
N VAL A 305 16.56 -0.12 -5.78
CA VAL A 305 17.45 1.02 -5.98
C VAL A 305 17.32 1.93 -4.77
N ARG A 306 18.44 2.17 -4.07
CA ARG A 306 18.35 2.97 -2.87
C ARG A 306 17.95 4.41 -3.19
N ALA A 307 18.43 4.96 -4.31
CA ALA A 307 18.05 6.33 -4.71
C ALA A 307 16.73 6.30 -5.46
N SER A 308 15.68 5.97 -4.72
CA SER A 308 14.31 5.94 -5.21
C SER A 308 13.38 6.69 -4.28
N TRP A 309 12.35 7.28 -4.87
CA TRP A 309 11.12 7.67 -4.19
C TRP A 309 10.18 6.47 -4.27
N VAL A 310 9.90 5.85 -3.13
CA VAL A 310 9.07 4.65 -3.03
C VAL A 310 7.79 5.06 -2.33
N HIS A 311 6.63 4.70 -2.88
CA HIS A 311 5.43 5.26 -2.31
C HIS A 311 4.20 4.44 -2.68
N LYS A 312 3.11 4.73 -1.97
CA LYS A 312 1.81 4.14 -2.22
C LYS A 312 0.72 5.02 -1.63
N THR A 313 -0.33 5.29 -2.40
CA THR A 313 -1.54 5.95 -1.96
C THR A 313 -2.57 4.93 -1.55
N GLY A 314 -3.53 5.35 -0.73
CA GLY A 314 -4.66 4.49 -0.44
C GLY A 314 -5.86 5.27 0.03
N ALA A 315 -7.04 4.72 -0.22
CA ALA A 315 -8.27 5.36 0.21
C ALA A 315 -9.31 4.29 0.45
N THR A 316 -10.18 4.55 1.40
CA THR A 316 -11.47 3.90 1.53
C THR A 316 -12.54 5.00 1.44
N GLY A 317 -13.79 4.62 1.63
CA GLY A 317 -14.84 5.62 1.58
C GLY A 317 -14.58 6.77 2.51
N GLY A 318 -14.01 6.48 3.66
CA GLY A 318 -13.87 7.49 4.70
C GLY A 318 -12.45 7.86 5.10
N PHE A 319 -11.44 7.33 4.42
CA PHE A 319 -10.06 7.51 4.82
C PHE A 319 -9.20 7.82 3.60
N GLY A 320 -8.09 8.51 3.86
CA GLY A 320 -7.07 8.75 2.87
C GLY A 320 -5.69 8.60 3.45
N SER A 321 -4.85 7.81 2.82
N SER A 321 -4.85 7.80 2.81
CA SER A 321 -3.51 7.53 3.34
CA SER A 321 -3.52 7.48 3.33
C SER A 321 -2.47 7.73 2.25
C SER A 321 -2.46 7.68 2.25
N TYR A 322 -1.24 7.93 2.71
CA TYR A 322 -0.11 8.03 1.81
C TYR A 322 1.15 7.68 2.58
N VAL A 323 2.01 6.91 1.92
N VAL A 323 2.04 6.93 1.92
CA VAL A 323 3.31 6.54 2.44
CA VAL A 323 3.33 6.57 2.51
C VAL A 323 4.32 6.85 1.35
C VAL A 323 4.38 6.73 1.43
N ALA A 324 5.47 7.43 1.75
CA ALA A 324 6.55 7.66 0.80
C ALA A 324 7.86 7.62 1.56
N PHE A 325 8.90 7.07 0.92
CA PHE A 325 10.20 7.05 1.56
C PHE A 325 11.31 6.99 0.52
N ILE A 326 12.50 7.39 0.96
CA ILE A 326 13.67 7.49 0.11
C ILE A 326 14.79 6.72 0.81
N PRO A 327 15.08 5.48 0.41
CA PRO A 327 16.04 4.68 1.21
C PRO A 327 17.39 5.34 1.34
N GLU A 328 17.92 5.91 0.24
CA GLU A 328 19.24 6.52 0.27
C GLU A 328 19.35 7.61 1.33
N LYS A 329 18.25 8.28 1.64
CA LYS A 329 18.27 9.42 2.54
C LYS A 329 17.77 9.09 3.94
N GLU A 330 17.37 7.83 4.18
N GLU A 330 17.27 7.87 4.16
CA GLU A 330 16.67 7.36 5.40
CA GLU A 330 16.78 7.49 5.49
C GLU A 330 15.62 8.38 5.83
C GLU A 330 15.56 8.32 5.87
N LEU A 331 14.77 8.71 4.87
CA LEU A 331 13.76 9.74 4.98
C LEU A 331 12.44 9.16 4.53
N GLY A 332 11.37 9.44 5.29
CA GLY A 332 10.06 8.98 4.89
C GLY A 332 8.95 9.72 5.60
N ILE A 333 7.74 9.44 5.12
CA ILE A 333 6.55 10.03 5.72
C ILE A 333 5.38 9.09 5.58
N VAL A 334 4.54 9.11 6.62
CA VAL A 334 3.24 8.45 6.63
C VAL A 334 2.21 9.50 6.94
N MET A 335 1.14 9.56 6.15
CA MET A 335 0.05 10.50 6.35
C MET A 335 -1.25 9.70 6.40
N LEU A 336 -1.92 9.67 7.56
CA LEU A 336 -3.17 8.93 7.74
C LEU A 336 -4.24 9.93 8.11
N ALA A 337 -5.33 9.96 7.35
CA ALA A 337 -6.45 10.85 7.61
C ALA A 337 -7.76 10.08 7.53
N ASN A 338 -8.72 10.52 8.34
CA ASN A 338 -10.06 9.93 8.32
C ASN A 338 -11.04 10.78 7.51
N LYS A 339 -10.54 11.25 6.36
CA LYS A 339 -11.37 11.69 5.24
C LYS A 339 -10.62 11.30 3.98
N ASN A 340 -11.35 10.85 2.95
CA ASN A 340 -10.73 10.59 1.65
C ASN A 340 -10.69 11.92 0.90
N TYR A 341 -9.50 12.48 0.75
CA TYR A 341 -9.30 13.74 0.06
C TYR A 341 -8.31 13.47 -1.08
N PRO A 342 -8.26 14.35 -2.09
CA PRO A 342 -7.57 13.96 -3.33
C PRO A 342 -6.11 13.61 -3.18
N ASN A 343 -5.70 12.54 -3.88
CA ASN A 343 -4.30 12.13 -3.83
C ASN A 343 -3.31 13.25 -4.12
N PRO A 344 -3.49 14.09 -5.15
CA PRO A 344 -2.43 15.08 -5.43
C PRO A 344 -2.14 15.99 -4.25
N ALA A 345 -3.15 16.29 -3.43
CA ALA A 345 -2.91 17.11 -2.26
C ALA A 345 -2.04 16.39 -1.25
N ARG A 346 -2.23 15.08 -1.11
CA ARG A 346 -1.41 14.29 -0.20
C ARG A 346 0.04 14.27 -0.67
N VAL A 347 0.24 13.98 -1.95
CA VAL A 347 1.58 13.83 -2.48
C VAL A 347 2.30 15.15 -2.45
N ASP A 348 1.62 16.23 -2.83
N ASP A 348 1.60 16.24 -2.75
CA ASP A 348 2.25 17.55 -2.75
CA ASP A 348 2.24 17.54 -2.76
C ASP A 348 2.76 17.81 -1.34
C ASP A 348 2.71 17.92 -1.36
N ALA A 349 1.90 17.64 -0.34
CA ALA A 349 2.32 17.90 1.04
C ALA A 349 3.51 17.04 1.44
N ALA A 350 3.48 15.76 1.06
CA ALA A 350 4.58 14.87 1.41
C ALA A 350 5.86 15.33 0.76
N TRP A 351 5.82 15.75 -0.51
N TRP A 351 5.79 15.68 -0.53
CA TRP A 351 7.06 16.18 -1.14
CA TRP A 351 6.93 16.24 -1.23
C TRP A 351 7.53 17.51 -0.56
C TRP A 351 7.50 17.44 -0.48
N GLN A 352 6.62 18.41 -0.16
CA GLN A 352 7.07 19.64 0.46
C GLN A 352 7.85 19.34 1.73
N ILE A 353 7.37 18.36 2.51
CA ILE A 353 8.04 18.02 3.75
C ILE A 353 9.37 17.33 3.49
N LEU A 354 9.38 16.27 2.68
CA LEU A 354 10.64 15.55 2.50
C LEU A 354 11.65 16.38 1.73
N ASN A 355 11.20 17.19 0.78
CA ASN A 355 12.14 18.07 0.07
C ASN A 355 12.82 19.03 1.04
N ALA A 356 12.07 19.55 2.01
CA ALA A 356 12.62 20.48 2.98
C ALA A 356 13.66 19.83 3.86
N LEU A 357 13.57 18.52 4.07
CA LEU A 357 14.42 17.84 5.02
C LEU A 357 15.54 17.03 4.38
N GLN A 358 15.65 17.03 3.05
N GLN A 358 15.56 16.93 3.05
CA GLN A 358 16.69 16.25 2.39
CA GLN A 358 16.54 16.10 2.37
C GLN A 358 18.07 16.91 2.54
C GLN A 358 17.94 16.64 2.67
C1 PGE B . -9.65 -16.42 -1.04
O1 PGE B . -10.32 -17.50 -0.39
C2 PGE B . -9.86 -16.53 -2.53
O2 PGE B . -8.97 -17.49 -3.05
C3 PGE B . -9.11 -17.67 -4.45
C4 PGE B . -8.41 -18.95 -4.87
O4 PGE B . -10.29 -22.22 -3.28
C6 PGE B . -8.95 -22.41 -3.70
C5 PGE B . -8.60 -21.29 -4.68
O3 PGE B . -8.86 -20.03 -4.07
OAC NXL C . -7.08 2.45 -1.81
CAN NXL C . -7.07 1.60 -2.69
N NXL C . -8.19 1.45 -3.58
CAJ NXL C . -7.95 0.97 -5.01
CA NXL C . -9.34 2.40 -3.49
C NXL C . -10.59 1.63 -3.68
O NXL C . -10.58 0.46 -3.82
NAA NXL C . -11.81 2.36 -3.59
CB NXL C . -9.11 3.56 -4.49
CAH NXL C . -8.75 3.14 -5.85
CAO NXL C . -7.65 2.16 -5.93
NAK NXL C . -6.35 2.74 -5.43
OAL NXL C . -5.99 3.87 -6.20
SAR NXL C . -5.28 5.00 -5.17
OAD NXL C . -4.24 4.32 -4.33
OAE NXL C . -6.28 5.72 -4.30
OAG NXL C . -4.50 5.93 -6.08
ZN ZN D . 0.56 28.52 10.86
ZN ZN E . -2.20 -2.71 22.73
CL CL F . 2.41 29.34 9.88
#